data_7AE8
#
_entry.id   7AE8
#
_cell.length_a   61.896
_cell.length_b   69.783
_cell.length_c   81.506
_cell.angle_alpha   90.000
_cell.angle_beta   107.010
_cell.angle_gamma   90.000
#
_symmetry.space_group_name_H-M   'P 1 21 1'
#
loop_
_entity.id
_entity.type
_entity.pdbx_description
1 polymer 'HEPN toxin'
2 non-polymer 'ACETATE ION'
3 water water
#
_entity_poly.entity_id   1
_entity_poly.type   'polypeptide(L)'
_entity_poly.pdbx_seq_one_letter_code
;MTNIEPVIIETRLELIGRYLDHLKKFENISLDDYLSSFEQQLITERLLQLITQAAIDINDHILSKLKSGKSYTNFEAFIE
LGKYQILTPELAKQIAPSSGLANRLVHEYDDIDPNQVFMAISFALQQYPLYVRQINSYLITLEEENDLESGHHHHHH
;
_entity_poly.pdbx_strand_id   A,B,C,D
#
loop_
_chem_comp.id
_chem_comp.type
_chem_comp.name
_chem_comp.formula
ACT non-polymer 'ACETATE ION' 'C2 H3 O2 -1'
#
# COMPACT_ATOMS: atom_id res chain seq x y z
N THR A 2 -5.79 -0.79 -6.95
CA THR A 2 -6.58 0.24 -6.26
C THR A 2 -5.83 0.79 -5.05
N ASN A 3 -6.01 0.15 -3.91
N ASN A 3 -6.00 0.15 -3.90
CA ASN A 3 -5.36 0.61 -2.68
CA ASN A 3 -5.37 0.61 -2.68
C ASN A 3 -3.95 0.06 -2.53
C ASN A 3 -3.96 0.03 -2.48
N ILE A 4 -3.69 -1.13 -3.07
CA ILE A 4 -2.35 -1.72 -2.92
C ILE A 4 -1.33 -0.88 -3.68
N GLU A 5 -0.12 -0.82 -3.14
CA GLU A 5 0.94 -0.06 -3.77
C GLU A 5 1.86 -1.03 -4.50
N PRO A 6 1.89 -1.02 -5.83
CA PRO A 6 2.59 -2.09 -6.56
C PRO A 6 4.10 -2.10 -6.35
N VAL A 7 4.72 -0.98 -5.99
CA VAL A 7 6.18 -0.95 -5.89
C VAL A 7 6.66 -1.76 -4.69
N ILE A 8 5.94 -1.70 -3.57
CA ILE A 8 6.28 -2.54 -2.42
C ILE A 8 6.28 -4.01 -2.81
N ILE A 9 5.29 -4.42 -3.60
CA ILE A 9 5.19 -5.82 -4.00
C ILE A 9 6.24 -6.16 -5.05
N GLU A 10 6.36 -5.31 -6.09
CA GLU A 10 7.28 -5.61 -7.18
C GLU A 10 8.73 -5.68 -6.69
N THR A 11 9.10 -4.79 -5.75
CA THR A 11 10.44 -4.85 -5.17
C THR A 11 10.70 -6.19 -4.51
N ARG A 12 9.73 -6.68 -3.73
CA ARG A 12 9.91 -7.94 -3.03
C ARG A 12 9.86 -9.13 -3.97
N LEU A 13 9.00 -9.08 -4.99
CA LEU A 13 9.01 -10.13 -6.01
C LEU A 13 10.36 -10.21 -6.70
N GLU A 14 10.96 -9.06 -7.00
N GLU A 14 10.97 -9.06 -6.99
CA GLU A 14 12.29 -9.05 -7.61
CA GLU A 14 12.29 -9.03 -7.61
C GLU A 14 13.33 -9.68 -6.69
C GLU A 14 13.34 -9.67 -6.69
N LEU A 15 13.27 -9.36 -5.40
CA LEU A 15 14.22 -9.95 -4.45
C LEU A 15 14.03 -11.46 -4.35
N ILE A 16 12.78 -11.91 -4.27
CA ILE A 16 12.50 -13.35 -4.24
C ILE A 16 13.05 -14.03 -5.48
N GLY A 17 12.92 -13.37 -6.63
CA GLY A 17 13.48 -13.93 -7.85
C GLY A 17 14.99 -14.10 -7.77
N ARG A 18 15.68 -13.09 -7.25
CA ARG A 18 17.13 -13.18 -7.09
C ARG A 18 17.52 -14.22 -6.05
N TYR A 19 16.78 -14.28 -4.94
CA TYR A 19 17.05 -15.32 -3.93
C TYR A 19 16.88 -16.71 -4.53
N LEU A 20 15.80 -16.91 -5.31
CA LEU A 20 15.57 -18.21 -5.92
C LEU A 20 16.64 -18.56 -6.95
N ASP A 21 17.10 -17.56 -7.72
CA ASP A 21 18.18 -17.80 -8.68
C ASP A 21 19.40 -18.37 -7.99
N HIS A 22 19.76 -17.85 -6.81
N HIS A 22 19.76 -17.85 -6.81
CA HIS A 22 20.93 -18.36 -6.11
CA HIS A 22 20.93 -18.34 -6.10
C HIS A 22 20.62 -19.68 -5.42
C HIS A 22 20.63 -19.64 -5.37
N LEU A 23 19.39 -19.83 -4.92
CA LEU A 23 19.01 -21.09 -4.28
C LEU A 23 19.02 -22.24 -5.28
N LYS A 24 18.70 -21.95 -6.55
CA LYS A 24 18.68 -22.99 -7.57
C LYS A 24 20.05 -23.62 -7.79
N LYS A 25 21.13 -22.91 -7.42
CA LYS A 25 22.46 -23.48 -7.53
C LYS A 25 22.64 -24.71 -6.65
N PHE A 26 21.79 -24.88 -5.64
CA PHE A 26 21.84 -26.03 -4.73
C PHE A 26 20.87 -27.13 -5.13
N GLU A 27 20.23 -27.01 -6.29
CA GLU A 27 19.15 -27.93 -6.65
C GLU A 27 19.63 -29.38 -6.73
N ASN A 28 20.91 -29.59 -7.07
CA ASN A 28 21.43 -30.93 -7.29
C ASN A 28 22.50 -31.33 -6.27
N ILE A 29 22.67 -30.57 -5.19
CA ILE A 29 23.67 -30.94 -4.21
C ILE A 29 23.23 -32.23 -3.51
N SER A 30 24.20 -33.10 -3.23
CA SER A 30 23.87 -34.35 -2.57
C SER A 30 23.59 -34.11 -1.09
N LEU A 31 22.85 -35.05 -0.50
CA LEU A 31 22.60 -35.00 0.94
C LEU A 31 23.91 -34.97 1.72
N ASP A 32 24.84 -35.85 1.38
CA ASP A 32 26.10 -35.94 2.12
C ASP A 32 26.87 -34.64 2.06
N ASP A 33 26.99 -34.06 0.86
CA ASP A 33 27.74 -32.81 0.72
C ASP A 33 27.06 -31.68 1.49
N TYR A 34 25.73 -31.59 1.41
CA TYR A 34 25.02 -30.53 2.14
C TYR A 34 25.21 -30.67 3.65
N LEU A 35 25.01 -31.88 4.18
CA LEU A 35 25.13 -32.08 5.62
C LEU A 35 26.55 -31.87 6.13
N SER A 36 27.56 -31.98 5.27
CA SER A 36 28.95 -31.81 5.71
C SER A 36 29.39 -30.35 5.72
N SER A 37 28.64 -29.44 5.12
CA SER A 37 29.10 -28.07 4.88
C SER A 37 28.21 -27.08 5.63
N PHE A 38 28.70 -26.61 6.77
CA PHE A 38 27.99 -25.56 7.50
C PHE A 38 27.82 -24.31 6.63
N GLU A 39 28.82 -24.03 5.78
CA GLU A 39 28.73 -22.85 4.92
C GLU A 39 27.56 -22.94 3.96
N GLN A 40 27.35 -24.10 3.34
CA GLN A 40 26.23 -24.24 2.43
C GLN A 40 24.90 -24.25 3.18
N GLN A 41 24.89 -24.78 4.40
CA GLN A 41 23.69 -24.68 5.24
C GLN A 41 23.37 -23.22 5.53
N LEU A 42 24.39 -22.42 5.84
CA LEU A 42 24.16 -21.00 6.15
C LEU A 42 23.59 -20.26 4.94
N ILE A 43 24.13 -20.54 3.75
CA ILE A 43 23.64 -19.88 2.54
C ILE A 43 22.17 -20.20 2.31
N THR A 44 21.84 -21.49 2.33
CA THR A 44 20.47 -21.91 2.01
C THR A 44 19.50 -21.49 3.10
N GLU A 45 19.93 -21.54 4.37
CA GLU A 45 19.07 -21.09 5.46
C GLU A 45 18.71 -19.61 5.31
N ARG A 46 19.70 -18.77 5.00
CA ARG A 46 19.40 -17.35 4.83
C ARG A 46 18.50 -17.12 3.63
N LEU A 47 18.77 -17.80 2.51
CA LEU A 47 17.91 -17.67 1.33
C LEU A 47 16.48 -18.07 1.65
N LEU A 48 16.30 -19.22 2.31
CA LEU A 48 14.96 -19.65 2.69
C LEU A 48 14.30 -18.67 3.65
N GLN A 49 15.08 -18.13 4.59
CA GLN A 49 14.53 -17.16 5.54
C GLN A 49 14.06 -15.90 4.81
N LEU A 50 14.86 -15.40 3.87
CA LEU A 50 14.52 -14.15 3.20
C LEU A 50 13.39 -14.33 2.18
N ILE A 51 13.38 -15.46 1.48
CA ILE A 51 12.27 -15.76 0.56
C ILE A 51 10.95 -15.76 1.33
N THR A 52 10.91 -16.50 2.45
CA THR A 52 9.67 -16.62 3.21
C THR A 52 9.28 -15.31 3.87
N GLN A 53 10.27 -14.56 4.38
CA GLN A 53 9.96 -13.27 4.98
C GLN A 53 9.48 -12.27 3.93
N ALA A 54 10.09 -12.28 2.73
CA ALA A 54 9.63 -11.40 1.68
C ALA A 54 8.19 -11.72 1.28
N ALA A 55 7.87 -13.01 1.19
CA ALA A 55 6.50 -13.41 0.88
C ALA A 55 5.54 -13.02 1.99
N ILE A 56 5.96 -13.15 3.25
CA ILE A 56 5.13 -12.72 4.38
C ILE A 56 4.84 -11.23 4.29
N ASP A 57 5.86 -10.43 3.93
CA ASP A 57 5.67 -8.98 3.86
C ASP A 57 4.75 -8.60 2.71
N ILE A 58 4.87 -9.28 1.56
CA ILE A 58 3.93 -9.08 0.47
C ILE A 58 2.52 -9.39 0.93
N ASN A 59 2.32 -10.55 1.56
CA ASN A 59 0.99 -10.97 1.98
C ASN A 59 0.38 -9.97 2.95
N ASP A 60 1.16 -9.53 3.95
CA ASP A 60 0.66 -8.56 4.91
C ASP A 60 0.24 -7.27 4.22
N HIS A 61 1.03 -6.81 3.24
CA HIS A 61 0.68 -5.59 2.54
C HIS A 61 -0.61 -5.73 1.76
N ILE A 62 -0.75 -6.85 1.03
CA ILE A 62 -1.98 -7.08 0.27
C ILE A 62 -3.19 -7.12 1.19
N LEU A 63 -3.12 -7.90 2.26
CA LEU A 63 -4.25 -8.03 3.17
C LEU A 63 -4.51 -6.73 3.94
N SER A 64 -3.49 -5.92 4.16
CA SER A 64 -3.69 -4.63 4.80
C SER A 64 -4.55 -3.71 3.95
N LYS A 65 -4.57 -3.92 2.64
CA LYS A 65 -5.40 -3.11 1.74
C LYS A 65 -6.72 -3.78 1.39
N LEU A 66 -6.75 -5.11 1.29
CA LEU A 66 -7.98 -5.80 0.94
C LEU A 66 -8.86 -6.06 2.16
N LYS A 67 -8.25 -6.35 3.31
CA LYS A 67 -8.96 -6.66 4.54
C LYS A 67 -8.43 -5.78 5.67
N SER A 68 -8.64 -4.47 5.52
CA SER A 68 -8.11 -3.51 6.47
C SER A 68 -8.67 -3.76 7.87
N GLY A 69 -7.81 -3.66 8.87
CA GLY A 69 -8.19 -3.88 10.25
C GLY A 69 -8.31 -5.34 10.65
N LYS A 70 -8.15 -6.27 9.72
CA LYS A 70 -8.21 -7.69 10.04
C LYS A 70 -6.81 -8.21 10.34
N SER A 71 -6.72 -9.11 11.30
CA SER A 71 -5.46 -9.68 11.75
C SER A 71 -5.31 -11.10 11.21
N TYR A 72 -4.11 -11.42 10.74
CA TYR A 72 -3.81 -12.75 10.22
C TYR A 72 -2.47 -13.23 10.73
N THR A 73 -2.41 -14.50 11.13
CA THR A 73 -1.12 -15.15 11.26
C THR A 73 -0.51 -15.33 9.87
N ASN A 74 0.80 -15.61 9.84
CA ASN A 74 1.47 -15.79 8.55
C ASN A 74 0.89 -16.97 7.79
N PHE A 75 0.49 -18.03 8.50
CA PHE A 75 -0.17 -19.17 7.87
C PHE A 75 -1.53 -18.77 7.33
N GLU A 76 -2.35 -18.10 8.15
CA GLU A 76 -3.68 -17.70 7.73
C GLU A 76 -3.63 -16.73 6.55
N ALA A 77 -2.57 -15.92 6.47
CA ALA A 77 -2.47 -14.94 5.39
C ALA A 77 -2.35 -15.61 4.04
N PHE A 78 -1.59 -16.71 3.96
CA PHE A 78 -1.50 -17.46 2.71
C PHE A 78 -2.84 -18.05 2.31
N ILE A 79 -3.56 -18.64 3.27
CA ILE A 79 -4.84 -19.26 2.97
C ILE A 79 -5.85 -18.21 2.51
N GLU A 80 -5.80 -17.02 3.10
CA GLU A 80 -6.75 -15.97 2.71
C GLU A 80 -6.51 -15.52 1.27
N LEU A 81 -5.23 -15.40 0.86
CA LEU A 81 -4.94 -15.08 -0.53
C LEU A 81 -5.49 -16.15 -1.46
N GLY A 82 -5.42 -17.41 -1.04
CA GLY A 82 -6.00 -18.49 -1.83
C GLY A 82 -7.52 -18.43 -1.90
N LYS A 83 -8.15 -17.85 -0.87
CA LYS A 83 -9.60 -17.74 -0.88
C LYS A 83 -10.08 -16.69 -1.89
N TYR A 84 -9.28 -15.65 -2.13
CA TYR A 84 -9.69 -14.52 -2.95
C TYR A 84 -9.06 -14.53 -4.35
N GLN A 85 -8.61 -15.69 -4.82
CA GLN A 85 -8.06 -15.88 -6.15
C GLN A 85 -6.76 -15.11 -6.38
N ILE A 86 -6.11 -14.65 -5.32
CA ILE A 86 -4.80 -14.03 -5.50
C ILE A 86 -3.72 -15.10 -5.66
N LEU A 87 -3.76 -16.11 -4.81
CA LEU A 87 -3.08 -17.38 -5.06
C LEU A 87 -4.15 -18.44 -5.34
N THR A 88 -3.75 -19.52 -6.01
CA THR A 88 -4.66 -20.65 -6.11
C THR A 88 -4.80 -21.29 -4.72
N PRO A 89 -5.98 -21.81 -4.40
CA PRO A 89 -6.12 -22.49 -3.11
C PRO A 89 -5.15 -23.64 -2.95
N GLU A 90 -4.81 -24.32 -4.05
CA GLU A 90 -3.89 -25.44 -3.99
C GLU A 90 -2.47 -24.97 -3.65
N LEU A 91 -2.00 -23.92 -4.30
CA LEU A 91 -0.69 -23.38 -3.94
C LEU A 91 -0.69 -22.82 -2.53
N ALA A 92 -1.75 -22.08 -2.18
CA ALA A 92 -1.83 -21.48 -0.86
C ALA A 92 -1.70 -22.55 0.23
N LYS A 93 -2.41 -23.67 0.07
CA LYS A 93 -2.37 -24.72 1.08
C LYS A 93 -1.02 -25.41 1.11
N GLN A 94 -0.37 -25.56 -0.05
CA GLN A 94 0.93 -26.20 -0.09
C GLN A 94 2.02 -25.33 0.52
N ILE A 95 1.94 -24.02 0.29
CA ILE A 95 3.05 -23.14 0.66
C ILE A 95 2.87 -22.53 2.05
N ALA A 96 1.66 -22.56 2.60
CA ALA A 96 1.44 -21.95 3.91
C ALA A 96 2.29 -22.57 5.03
N PRO A 97 2.48 -23.90 5.11
CA PRO A 97 3.39 -24.43 6.15
C PRO A 97 4.78 -23.84 6.10
N SER A 98 5.34 -23.62 4.91
CA SER A 98 6.68 -23.05 4.80
C SER A 98 6.78 -21.65 5.41
N SER A 99 5.64 -21.02 5.74
CA SER A 99 5.69 -19.69 6.34
C SER A 99 6.33 -19.72 7.72
N GLY A 100 6.30 -20.86 8.41
CA GLY A 100 6.98 -20.98 9.69
C GLY A 100 8.49 -20.96 9.61
N LEU A 101 9.06 -21.12 8.41
CA LEU A 101 10.51 -21.11 8.26
C LEU A 101 11.10 -19.76 8.62
N ALA A 102 10.43 -18.67 8.23
CA ALA A 102 10.93 -17.35 8.54
C ALA A 102 11.10 -17.14 10.04
N ASN A 103 10.28 -17.81 10.85
CA ASN A 103 10.42 -17.68 12.29
C ASN A 103 11.42 -18.67 12.88
N ARG A 104 11.37 -19.93 12.45
CA ARG A 104 12.25 -20.94 13.05
C ARG A 104 13.71 -20.68 12.72
N LEU A 105 13.99 -20.23 11.49
CA LEU A 105 15.38 -19.95 11.12
C LEU A 105 15.93 -18.73 11.83
N VAL A 106 15.07 -17.90 12.41
CA VAL A 106 15.51 -16.72 13.15
C VAL A 106 15.63 -17.00 14.63
N HIS A 107 14.61 -17.62 15.23
CA HIS A 107 14.53 -17.74 16.67
C HIS A 107 14.79 -19.15 17.20
N GLU A 108 14.72 -20.17 16.36
CA GLU A 108 14.97 -21.54 16.80
C GLU A 108 16.27 -22.07 16.19
N TYR A 109 17.28 -21.18 16.16
CA TYR A 109 18.59 -21.50 15.61
C TYR A 109 19.32 -22.59 16.39
N ASP A 110 18.94 -22.82 17.65
CA ASP A 110 19.50 -23.92 18.43
C ASP A 110 18.86 -25.26 18.09
N ASP A 111 17.91 -25.29 17.15
CA ASP A 111 17.12 -26.48 16.88
C ASP A 111 16.93 -26.70 15.38
N ILE A 112 17.93 -26.35 14.57
CA ILE A 112 17.82 -26.47 13.12
C ILE A 112 18.39 -27.82 12.70
N ASP A 113 17.52 -28.68 12.15
CA ASP A 113 17.95 -29.97 11.62
C ASP A 113 18.25 -29.80 10.14
N PRO A 114 19.52 -29.88 9.71
CA PRO A 114 19.83 -29.66 8.29
C PRO A 114 19.19 -30.68 7.36
N ASN A 115 18.88 -31.89 7.84
CA ASN A 115 18.11 -32.84 7.03
C ASN A 115 16.77 -32.24 6.63
N GLN A 116 16.14 -31.49 7.54
N GLN A 116 16.14 -31.49 7.54
CA GLN A 116 14.85 -30.89 7.24
CA GLN A 116 14.85 -30.89 7.22
C GLN A 116 15.02 -29.69 6.30
C GLN A 116 15.01 -29.69 6.29
N VAL A 117 16.07 -28.90 6.49
CA VAL A 117 16.31 -27.76 5.60
C VAL A 117 16.62 -28.24 4.20
N PHE A 118 17.35 -29.35 4.07
CA PHE A 118 17.62 -29.95 2.77
C PHE A 118 16.34 -30.22 2.00
N MET A 119 15.32 -30.77 2.69
CA MET A 119 14.03 -30.97 2.05
C MET A 119 13.35 -29.64 1.71
N ALA A 120 13.45 -28.66 2.61
CA ALA A 120 12.79 -27.37 2.38
C ALA A 120 13.35 -26.67 1.15
N ILE A 121 14.61 -26.93 0.80
CA ILE A 121 15.20 -26.34 -0.39
C ILE A 121 14.40 -26.73 -1.64
N SER A 122 14.10 -28.02 -1.77
N SER A 122 14.10 -28.02 -1.77
CA SER A 122 13.39 -28.48 -2.96
CA SER A 122 13.40 -28.48 -2.97
C SER A 122 11.95 -28.03 -2.96
C SER A 122 11.94 -28.03 -2.96
N PHE A 123 11.32 -27.96 -1.78
CA PHE A 123 9.96 -27.45 -1.70
C PHE A 123 9.90 -25.97 -2.10
N ALA A 124 10.87 -25.19 -1.67
CA ALA A 124 10.88 -23.77 -2.02
C ALA A 124 11.14 -23.55 -3.50
N LEU A 125 12.05 -24.33 -4.09
CA LEU A 125 12.33 -24.18 -5.52
C LEU A 125 11.15 -24.60 -6.38
N GLN A 126 10.28 -25.47 -5.87
CA GLN A 126 9.07 -25.83 -6.61
C GLN A 126 7.95 -24.83 -6.40
N GLN A 127 7.76 -24.36 -5.16
CA GLN A 127 6.56 -23.62 -4.81
C GLN A 127 6.69 -22.11 -5.02
N TYR A 128 7.84 -21.52 -4.70
CA TYR A 128 7.89 -20.07 -4.72
C TYR A 128 7.97 -19.46 -6.12
N PRO A 129 8.49 -20.14 -7.16
CA PRO A 129 8.30 -19.62 -8.52
C PRO A 129 6.83 -19.51 -8.90
N LEU A 130 6.01 -20.47 -8.47
CA LEU A 130 4.58 -20.37 -8.70
C LEU A 130 3.99 -19.19 -7.93
N TYR A 131 4.45 -18.98 -6.70
CA TYR A 131 3.99 -17.85 -5.90
C TYR A 131 4.29 -16.53 -6.61
N VAL A 132 5.52 -16.38 -7.11
CA VAL A 132 5.90 -15.13 -7.79
C VAL A 132 5.02 -14.91 -9.01
N ARG A 133 4.81 -15.95 -9.81
CA ARG A 133 4.02 -15.79 -11.03
C ARG A 133 2.58 -15.43 -10.70
N GLN A 134 2.03 -15.99 -9.62
CA GLN A 134 0.62 -15.73 -9.30
C GLN A 134 0.44 -14.33 -8.72
N ILE A 135 1.33 -13.90 -7.83
CA ILE A 135 1.27 -12.52 -7.34
C ILE A 135 1.44 -11.55 -8.50
N ASN A 136 2.36 -11.86 -9.42
CA ASN A 136 2.59 -10.98 -10.56
C ASN A 136 1.36 -10.93 -11.45
N SER A 137 0.72 -12.07 -11.69
CA SER A 137 -0.52 -12.08 -12.46
C SER A 137 -1.61 -11.27 -11.77
N TYR A 138 -1.64 -11.31 -10.43
CA TYR A 138 -2.59 -10.51 -9.69
C TYR A 138 -2.38 -9.02 -9.93
N LEU A 139 -1.11 -8.58 -9.90
CA LEU A 139 -0.80 -7.18 -10.17
C LEU A 139 -1.26 -6.75 -11.56
N ILE A 140 -1.03 -7.61 -12.56
CA ILE A 140 -1.43 -7.30 -13.93
C ILE A 140 -2.94 -7.16 -14.02
N THR A 141 -3.68 -8.04 -13.33
CA THR A 141 -5.13 -7.99 -13.38
C THR A 141 -5.67 -6.72 -12.73
N LEU A 142 -5.13 -6.36 -11.56
CA LEU A 142 -5.51 -5.12 -10.90
C LEU A 142 -5.30 -3.92 -11.81
N GLU A 143 -4.12 -3.84 -12.43
CA GLU A 143 -3.81 -2.74 -13.32
C GLU A 143 -4.78 -2.70 -14.50
N GLU A 144 -5.10 -3.87 -15.07
CA GLU A 144 -6.03 -3.92 -16.19
C GLU A 144 -7.43 -3.47 -15.76
N GLU A 145 -7.91 -3.98 -14.63
CA GLU A 145 -9.21 -3.57 -14.13
C GLU A 145 -9.24 -2.07 -13.83
N ASN A 146 -8.16 -1.54 -13.25
CA ASN A 146 -8.08 -0.10 -13.00
C ASN A 146 -8.13 0.69 -14.30
N ASP A 147 -7.36 0.26 -15.30
CA ASP A 147 -7.37 0.93 -16.60
C ASP A 147 -8.77 0.89 -17.22
N LEU A 148 -9.45 -0.26 -17.11
CA LEU A 148 -10.80 -0.36 -17.64
C LEU A 148 -11.76 0.55 -16.89
N GLU A 149 -11.53 0.76 -15.59
CA GLU A 149 -12.46 1.54 -14.78
C GLU A 149 -12.32 3.03 -15.04
N SER A 150 -11.10 3.51 -15.27
CA SER A 150 -10.83 4.95 -15.32
C SER A 150 -10.13 5.39 -16.61
N GLY A 151 -10.04 4.53 -17.61
CA GLY A 151 -9.22 4.82 -18.77
C GLY A 151 -7.75 4.57 -18.48
N HIS A 152 -6.94 4.67 -19.53
CA HIS A 152 -5.53 4.29 -19.45
C HIS A 152 -4.78 5.14 -18.42
N HIS A 153 -3.91 4.49 -17.66
CA HIS A 153 -3.08 5.17 -16.67
C HIS A 153 -1.65 5.32 -17.17
N THR B 2 20.75 -17.27 39.98
CA THR B 2 19.60 -17.21 40.88
C THR B 2 18.56 -18.24 40.45
N ASN B 3 17.57 -17.80 39.68
CA ASN B 3 16.70 -18.70 38.93
C ASN B 3 17.20 -18.90 37.51
N ILE B 4 18.45 -18.55 37.25
CA ILE B 4 19.01 -18.66 35.90
C ILE B 4 19.23 -20.13 35.56
N GLU B 5 18.91 -20.49 34.32
CA GLU B 5 19.08 -21.84 33.82
C GLU B 5 20.36 -21.91 33.01
N PRO B 6 21.46 -22.41 33.58
CA PRO B 6 22.75 -22.35 32.86
C PRO B 6 22.74 -23.03 31.52
N VAL B 7 21.89 -24.04 31.33
CA VAL B 7 21.81 -24.73 30.04
C VAL B 7 21.42 -23.77 28.93
N ILE B 8 20.50 -22.85 29.22
CA ILE B 8 20.10 -21.86 28.23
C ILE B 8 21.30 -21.04 27.78
N ILE B 9 22.12 -20.59 28.73
CA ILE B 9 23.25 -19.74 28.41
C ILE B 9 24.38 -20.55 27.79
N GLU B 10 24.65 -21.75 28.33
CA GLU B 10 25.76 -22.55 27.83
C GLU B 10 25.54 -22.98 26.38
N THR B 11 24.30 -23.34 26.03
CA THR B 11 24.03 -23.76 24.65
C THR B 11 24.23 -22.61 23.68
N ARG B 12 23.83 -21.40 24.08
N ARG B 12 23.80 -21.40 24.07
CA ARG B 12 23.98 -20.24 23.19
CA ARG B 12 23.99 -20.24 23.20
C ARG B 12 25.45 -19.81 23.09
C ARG B 12 25.47 -19.90 23.07
N LEU B 13 26.21 -19.94 24.19
CA LEU B 13 27.63 -19.62 24.12
C LEU B 13 28.36 -20.61 23.23
N GLU B 14 27.97 -21.89 23.26
CA GLU B 14 28.56 -22.86 22.36
C GLU B 14 28.24 -22.52 20.91
N LEU B 15 27.00 -22.10 20.63
CA LEU B 15 26.63 -21.73 19.28
C LEU B 15 27.38 -20.49 18.81
N ILE B 16 27.50 -19.49 19.68
CA ILE B 16 28.27 -18.29 19.33
C ILE B 16 29.71 -18.66 19.01
N GLY B 17 30.29 -19.59 19.77
CA GLY B 17 31.64 -20.03 19.48
C GLY B 17 31.77 -20.67 18.10
N ARG B 18 30.81 -21.50 17.73
CA ARG B 18 30.82 -22.10 16.39
C ARG B 18 30.69 -21.03 15.31
N TYR B 19 29.76 -20.08 15.50
CA TYR B 19 29.56 -19.03 14.51
C TYR B 19 30.81 -18.17 14.36
N LEU B 20 31.44 -17.81 15.49
CA LEU B 20 32.65 -16.98 15.45
C LEU B 20 33.80 -17.69 14.75
N ASP B 21 33.93 -19.00 14.96
CA ASP B 21 34.97 -19.77 14.28
C ASP B 21 34.80 -19.71 12.77
N HIS B 22 33.56 -19.75 12.30
CA HIS B 22 33.32 -19.65 10.86
C HIS B 22 33.45 -18.20 10.38
N LEU B 23 32.97 -17.23 11.17
CA LEU B 23 33.15 -15.83 10.80
C LEU B 23 34.63 -15.47 10.70
N LYS B 24 35.48 -16.13 11.49
CA LYS B 24 36.91 -15.86 11.47
C LYS B 24 37.51 -16.11 10.08
N LYS B 25 36.91 -17.01 9.31
N LYS B 25 36.91 -17.01 9.31
CA LYS B 25 37.40 -17.28 7.96
CA LYS B 25 37.43 -17.27 7.96
C LYS B 25 37.32 -16.04 7.07
C LYS B 25 37.32 -16.04 7.07
N PHE B 26 36.50 -15.06 7.44
CA PHE B 26 36.33 -13.84 6.66
C PHE B 26 37.07 -12.65 7.25
N GLU B 27 37.99 -12.90 8.20
CA GLU B 27 38.60 -11.81 8.95
C GLU B 27 39.43 -10.89 8.06
N ASN B 28 40.09 -11.45 7.04
CA ASN B 28 41.05 -10.69 6.25
C ASN B 28 40.66 -10.58 4.78
N ILE B 29 39.40 -10.85 4.44
CA ILE B 29 38.98 -10.68 3.04
C ILE B 29 38.99 -9.20 2.67
N SER B 30 39.14 -8.94 1.38
CA SER B 30 39.11 -7.57 0.87
C SER B 30 37.68 -7.15 0.57
N LEU B 31 37.41 -5.87 0.76
CA LEU B 31 36.06 -5.35 0.53
C LEU B 31 35.61 -5.54 -0.91
N ASP B 32 36.52 -5.31 -1.86
CA ASP B 32 36.16 -5.43 -3.27
C ASP B 32 35.73 -6.84 -3.62
N ASP B 33 36.43 -7.86 -3.10
CA ASP B 33 35.98 -9.23 -3.30
C ASP B 33 34.65 -9.48 -2.61
N TYR B 34 34.49 -8.96 -1.39
CA TYR B 34 33.24 -9.13 -0.65
C TYR B 34 32.06 -8.56 -1.42
N LEU B 35 32.22 -7.36 -1.97
CA LEU B 35 31.13 -6.72 -2.71
C LEU B 35 30.75 -7.53 -3.95
N SER B 36 31.66 -8.33 -4.49
CA SER B 36 31.38 -9.07 -5.71
C SER B 36 30.75 -10.43 -5.45
N SER B 37 30.69 -10.88 -4.21
CA SER B 37 30.27 -12.25 -3.90
C SER B 37 29.00 -12.25 -3.06
N PHE B 38 27.88 -12.58 -3.69
CA PHE B 38 26.63 -12.68 -2.95
C PHE B 38 26.70 -13.82 -1.93
N GLU B 39 27.43 -14.89 -2.22
CA GLU B 39 27.49 -16.00 -1.27
C GLU B 39 28.27 -15.60 -0.01
N GLN B 40 29.35 -14.84 -0.16
CA GLN B 40 30.05 -14.33 1.02
C GLN B 40 29.15 -13.42 1.84
N GLN B 41 28.34 -12.59 1.17
CA GLN B 41 27.43 -11.70 1.87
C GLN B 41 26.37 -12.49 2.63
N LEU B 42 25.82 -13.54 2.00
CA LEU B 42 24.81 -14.36 2.68
C LEU B 42 25.38 -15.06 3.89
N ILE B 43 26.58 -15.62 3.77
CA ILE B 43 27.20 -16.35 4.88
C ILE B 43 27.42 -15.41 6.06
N THR B 44 28.09 -14.28 5.79
CA THR B 44 28.45 -13.39 6.89
C THR B 44 27.21 -12.73 7.49
N GLU B 45 26.21 -12.42 6.67
CA GLU B 45 24.97 -11.85 7.20
C GLU B 45 24.30 -12.81 8.17
N ARG B 46 24.19 -14.10 7.81
CA ARG B 46 23.53 -15.03 8.72
C ARG B 46 24.36 -15.26 9.99
N LEU B 47 25.68 -15.35 9.86
CA LEU B 47 26.51 -15.50 11.05
C LEU B 47 26.35 -14.31 12.00
N LEU B 48 26.40 -13.09 11.48
CA LEU B 48 26.22 -11.91 12.31
C LEU B 48 24.82 -11.88 12.92
N GLN B 49 23.80 -12.24 12.13
CA GLN B 49 22.45 -12.31 12.64
C GLN B 49 22.34 -13.29 13.80
N LEU B 50 22.92 -14.48 13.64
CA LEU B 50 22.76 -15.52 14.66
C LEU B 50 23.59 -15.21 15.90
N ILE B 51 24.80 -14.68 15.72
CA ILE B 51 25.60 -14.27 16.87
C ILE B 51 24.84 -13.25 17.70
N THR B 52 24.34 -12.20 17.04
N THR B 52 24.33 -12.20 17.06
CA THR B 52 23.65 -11.13 17.76
CA THR B 52 23.67 -11.14 17.80
C THR B 52 22.38 -11.63 18.43
C THR B 52 22.38 -11.63 18.45
N GLN B 53 21.61 -12.47 17.74
CA GLN B 53 20.38 -13.00 18.31
C GLN B 53 20.66 -13.92 19.49
N ALA B 54 21.72 -14.73 19.38
CA ALA B 54 22.10 -15.60 20.51
C ALA B 54 22.47 -14.77 21.73
N ALA B 55 23.21 -13.68 21.53
CA ALA B 55 23.57 -12.81 22.65
C ALA B 55 22.34 -12.13 23.24
N ILE B 56 21.46 -11.60 22.38
CA ILE B 56 20.20 -11.02 22.83
C ILE B 56 19.42 -12.02 23.67
N ASP B 57 19.37 -13.28 23.23
CA ASP B 57 18.64 -14.29 23.96
C ASP B 57 19.28 -14.57 25.32
N ILE B 58 20.61 -14.66 25.37
CA ILE B 58 21.32 -14.78 26.65
C ILE B 58 20.99 -13.60 27.55
N ASN B 59 21.13 -12.38 27.02
CA ASN B 59 20.89 -11.19 27.82
C ASN B 59 19.47 -11.14 28.35
N ASP B 60 18.48 -11.48 27.50
CA ASP B 60 17.09 -11.47 27.93
C ASP B 60 16.85 -12.48 29.05
N HIS B 61 17.49 -13.64 28.98
CA HIS B 61 17.32 -14.63 30.03
C HIS B 61 17.93 -14.15 31.35
N ILE B 62 19.17 -13.64 31.30
CA ILE B 62 19.83 -13.16 32.51
C ILE B 62 18.98 -12.08 33.19
N LEU B 63 18.54 -11.09 32.41
CA LEU B 63 17.79 -9.98 32.97
C LEU B 63 16.38 -10.38 33.39
N SER B 64 15.81 -11.41 32.78
CA SER B 64 14.49 -11.88 33.21
C SER B 64 14.52 -12.43 34.63
N LYS B 65 15.68 -12.86 35.10
CA LYS B 65 15.86 -13.36 36.46
C LYS B 65 16.45 -12.32 37.39
N LEU B 66 17.44 -11.55 36.93
CA LEU B 66 18.09 -10.55 37.78
C LEU B 66 17.24 -9.30 37.93
N LYS B 67 16.43 -8.96 36.92
CA LYS B 67 15.57 -7.78 36.96
C LYS B 67 14.19 -8.13 36.41
N SER B 68 13.53 -9.08 37.06
CA SER B 68 12.22 -9.54 36.58
C SER B 68 11.19 -8.42 36.67
N GLY B 69 10.31 -8.38 35.69
CA GLY B 69 9.29 -7.34 35.58
C GLY B 69 9.74 -6.16 34.74
N LYS B 70 11.03 -5.83 34.79
CA LYS B 70 11.58 -4.77 33.98
C LYS B 70 11.74 -5.23 32.53
N SER B 71 11.56 -4.28 31.61
CA SER B 71 11.73 -4.53 30.19
C SER B 71 12.87 -3.69 29.65
N TYR B 72 13.68 -4.29 28.78
CA TYR B 72 14.79 -3.59 28.15
C TYR B 72 14.74 -3.80 26.65
N THR B 73 15.16 -2.78 25.91
CA THR B 73 15.46 -2.98 24.52
C THR B 73 16.76 -3.77 24.40
N ASN B 74 17.01 -4.29 23.19
CA ASN B 74 18.25 -5.05 22.97
C ASN B 74 19.47 -4.20 23.28
N PHE B 75 19.45 -2.93 22.88
CA PHE B 75 20.54 -2.02 23.21
C PHE B 75 20.66 -1.83 24.72
N GLU B 76 19.53 -1.60 25.40
CA GLU B 76 19.56 -1.33 26.83
C GLU B 76 19.97 -2.57 27.62
N ALA B 77 19.66 -3.77 27.12
CA ALA B 77 20.02 -4.99 27.82
C ALA B 77 21.53 -5.13 27.97
N PHE B 78 22.28 -4.79 26.92
CA PHE B 78 23.73 -4.81 27.01
C PHE B 78 24.23 -3.82 28.06
N ILE B 79 23.72 -2.59 28.02
CA ILE B 79 24.17 -1.55 28.95
C ILE B 79 23.89 -1.96 30.39
N GLU B 80 22.73 -2.57 30.63
CA GLU B 80 22.36 -2.96 31.98
C GLU B 80 23.29 -4.04 32.52
N LEU B 81 23.65 -5.02 31.68
CA LEU B 81 24.61 -6.03 32.10
C LEU B 81 25.95 -5.39 32.44
N GLY B 82 26.36 -4.39 31.67
CA GLY B 82 27.57 -3.66 32.02
C GLY B 82 27.44 -2.92 33.33
N LYS B 83 26.26 -2.35 33.59
CA LYS B 83 26.05 -1.61 34.83
C LYS B 83 26.19 -2.53 36.04
N TYR B 84 25.82 -3.80 35.91
CA TYR B 84 25.93 -4.76 37.00
C TYR B 84 27.20 -5.59 36.95
N GLN B 85 28.17 -5.19 36.12
CA GLN B 85 29.49 -5.80 36.03
C GLN B 85 29.43 -7.25 35.59
N ILE B 86 28.33 -7.68 34.98
CA ILE B 86 28.30 -8.97 34.31
C ILE B 86 29.12 -8.91 33.03
N LEU B 87 28.96 -7.83 32.27
CA LEU B 87 29.94 -7.38 31.29
C LEU B 87 30.65 -6.16 31.86
N THR B 88 31.84 -5.88 31.34
CA THR B 88 32.43 -4.58 31.65
C THR B 88 31.62 -3.48 30.97
N PRO B 89 31.50 -2.32 31.60
CA PRO B 89 30.79 -1.22 30.93
C PRO B 89 31.43 -0.82 29.61
N GLU B 90 32.74 -1.02 29.48
N GLU B 90 32.74 -1.00 29.46
CA GLU B 90 33.44 -0.66 28.25
CA GLU B 90 33.38 -0.63 28.21
C GLU B 90 33.03 -1.57 27.10
C GLU B 90 32.99 -1.56 27.09
N LEU B 91 32.99 -2.88 27.35
CA LEU B 91 32.55 -3.81 26.31
C LEU B 91 31.08 -3.63 26.00
N ALA B 92 30.26 -3.45 27.03
CA ALA B 92 28.82 -3.27 26.81
C ALA B 92 28.54 -2.06 25.93
N LYS B 93 29.30 -0.97 26.12
CA LYS B 93 29.13 0.21 25.30
C LYS B 93 29.57 -0.03 23.87
N GLN B 94 30.68 -0.77 23.69
CA GLN B 94 31.17 -1.04 22.34
C GLN B 94 30.21 -1.94 21.58
N ILE B 95 29.64 -2.94 22.26
CA ILE B 95 28.94 -4.01 21.56
C ILE B 95 27.45 -3.74 21.42
N ALA B 96 26.89 -2.85 22.24
CA ALA B 96 25.45 -2.58 22.19
C ALA B 96 24.93 -2.14 20.83
N PRO B 97 25.62 -1.27 20.06
CA PRO B 97 25.08 -0.91 18.74
C PRO B 97 24.97 -2.08 17.77
N SER B 98 25.85 -3.07 17.87
CA SER B 98 25.71 -4.24 17.00
C SER B 98 24.45 -5.04 17.29
N SER B 99 23.73 -4.73 18.38
CA SER B 99 22.54 -5.48 18.73
C SER B 99 21.41 -5.28 17.74
N GLY B 100 21.38 -4.15 17.04
CA GLY B 100 20.37 -3.93 16.02
C GLY B 100 20.53 -4.80 14.78
N LEU B 101 21.70 -5.44 14.62
CA LEU B 101 21.94 -6.29 13.45
C LEU B 101 20.93 -7.42 13.37
N ALA B 102 20.57 -8.01 14.51
CA ALA B 102 19.63 -9.12 14.50
C ALA B 102 18.28 -8.71 13.91
N ASN B 103 17.89 -7.46 14.08
CA ASN B 103 16.62 -7.01 13.51
C ASN B 103 16.77 -6.57 12.06
N ARG B 104 17.83 -5.80 11.74
CA ARG B 104 17.96 -5.25 10.40
C ARG B 104 18.23 -6.33 9.37
N LEU B 105 19.03 -7.35 9.73
CA LEU B 105 19.32 -8.42 8.78
C LEU B 105 18.12 -9.34 8.57
N VAL B 106 17.14 -9.29 9.47
CA VAL B 106 15.92 -10.09 9.31
C VAL B 106 14.84 -9.29 8.60
N HIS B 107 14.57 -8.06 9.03
CA HIS B 107 13.41 -7.32 8.56
C HIS B 107 13.73 -6.20 7.57
N GLU B 108 14.99 -5.81 7.42
CA GLU B 108 15.36 -4.75 6.49
C GLU B 108 16.24 -5.31 5.39
N TYR B 109 15.87 -6.50 4.90
CA TYR B 109 16.66 -7.23 3.91
C TYR B 109 16.73 -6.50 2.58
N ASP B 110 15.80 -5.59 2.31
CA ASP B 110 15.86 -4.78 1.10
C ASP B 110 16.74 -3.55 1.27
N ASP B 111 17.35 -3.35 2.43
N ASP B 111 17.36 -3.37 2.43
CA ASP B 111 18.11 -2.13 2.71
CA ASP B 111 18.07 -2.15 2.77
C ASP B 111 19.44 -2.44 3.36
C ASP B 111 19.43 -2.45 3.39
N ILE B 112 20.03 -3.59 3.02
CA ILE B 112 21.31 -3.99 3.59
C ILE B 112 22.44 -3.41 2.75
N ASP B 113 23.32 -2.64 3.39
CA ASP B 113 24.51 -2.11 2.75
C ASP B 113 25.67 -3.05 3.05
N PRO B 114 26.17 -3.82 2.07
CA PRO B 114 27.28 -4.75 2.35
C PRO B 114 28.54 -4.06 2.84
N ASN B 115 28.71 -2.77 2.54
CA ASN B 115 29.85 -2.04 3.09
C ASN B 115 29.76 -1.96 4.60
N GLN B 116 28.56 -1.77 5.14
CA GLN B 116 28.38 -1.74 6.59
C GLN B 116 28.51 -3.12 7.20
N VAL B 117 27.97 -4.14 6.53
CA VAL B 117 28.10 -5.51 7.04
C VAL B 117 29.56 -5.91 7.08
N PHE B 118 30.33 -5.49 6.07
CA PHE B 118 31.77 -5.75 6.04
C PHE B 118 32.45 -5.21 7.29
N MET B 119 32.11 -3.97 7.67
CA MET B 119 32.66 -3.40 8.90
C MET B 119 32.20 -4.18 10.12
N ALA B 120 30.95 -4.67 10.10
CA ALA B 120 30.43 -5.41 11.24
C ALA B 120 31.15 -6.72 11.46
N ILE B 121 31.72 -7.31 10.40
CA ILE B 121 32.51 -8.53 10.57
C ILE B 121 33.67 -8.29 11.52
N SER B 122 34.45 -7.22 11.28
CA SER B 122 35.61 -6.95 12.12
C SER B 122 35.20 -6.63 13.55
N PHE B 123 34.16 -5.80 13.72
CA PHE B 123 33.69 -5.46 15.06
C PHE B 123 33.29 -6.71 15.84
N ALA B 124 32.52 -7.61 15.21
CA ALA B 124 32.04 -8.80 15.89
C ALA B 124 33.20 -9.73 16.25
N LEU B 125 34.19 -9.84 15.36
CA LEU B 125 35.34 -10.69 15.65
C LEU B 125 36.17 -10.15 16.80
N GLN B 126 36.14 -8.82 17.01
CA GLN B 126 36.90 -8.23 18.10
C GLN B 126 36.13 -8.25 19.42
N GLN B 127 34.81 -8.09 19.37
CA GLN B 127 34.00 -7.85 20.56
C GLN B 127 33.33 -9.11 21.11
N TYR B 128 32.81 -9.97 20.26
CA TYR B 128 32.05 -11.10 20.81
C TYR B 128 32.90 -12.18 21.47
N PRO B 129 34.17 -12.38 21.10
CA PRO B 129 35.01 -13.25 21.95
C PRO B 129 35.12 -12.75 23.39
N LEU B 130 35.23 -11.43 23.59
CA LEU B 130 35.22 -10.89 24.95
C LEU B 130 33.88 -11.10 25.62
N TYR B 131 32.78 -10.90 24.88
CA TYR B 131 31.45 -11.14 25.43
C TYR B 131 31.33 -12.57 25.93
N VAL B 132 31.80 -13.53 25.13
CA VAL B 132 31.73 -14.94 25.52
C VAL B 132 32.55 -15.20 26.78
N ARG B 133 33.75 -14.62 26.87
N ARG B 133 33.74 -14.60 26.87
CA ARG B 133 34.57 -14.82 28.05
CA ARG B 133 34.59 -14.80 28.04
C ARG B 133 33.91 -14.24 29.29
C ARG B 133 33.93 -14.23 29.29
N GLN B 134 33.31 -13.05 29.17
CA GLN B 134 32.72 -12.42 30.34
C GLN B 134 31.46 -13.14 30.80
N ILE B 135 30.63 -13.59 29.86
CA ILE B 135 29.45 -14.38 30.25
C ILE B 135 29.89 -15.70 30.88
N ASN B 136 30.95 -16.30 30.36
CA ASN B 136 31.45 -17.54 30.95
C ASN B 136 31.94 -17.31 32.37
N SER B 137 32.64 -16.20 32.61
CA SER B 137 33.04 -15.86 33.97
C SER B 137 31.83 -15.67 34.88
N TYR B 138 30.73 -15.14 34.33
CA TYR B 138 29.52 -14.96 35.12
C TYR B 138 28.90 -16.31 35.49
N LEU B 139 28.90 -17.26 34.54
CA LEU B 139 28.40 -18.60 34.85
C LEU B 139 29.21 -19.25 35.96
N ILE B 140 30.51 -18.98 36.00
CA ILE B 140 31.36 -19.57 37.03
C ILE B 140 30.99 -19.02 38.41
N THR B 141 30.68 -17.73 38.48
CA THR B 141 30.24 -17.16 39.76
C THR B 141 28.92 -17.76 40.20
N LEU B 142 28.04 -18.08 39.25
CA LEU B 142 26.79 -18.76 39.59
C LEU B 142 27.04 -20.16 40.13
N GLU B 143 27.95 -20.91 39.48
CA GLU B 143 28.28 -22.25 39.96
C GLU B 143 28.93 -22.20 41.34
N GLU B 144 29.81 -21.22 41.57
CA GLU B 144 30.42 -21.06 42.88
C GLU B 144 29.35 -20.78 43.94
N GLU B 145 28.41 -19.89 43.62
CA GLU B 145 27.33 -19.59 44.54
C GLU B 145 26.47 -20.83 44.80
N ASN B 146 26.15 -21.58 43.73
CA ASN B 146 25.37 -22.80 43.89
C ASN B 146 26.13 -23.82 44.73
N ASP B 147 27.46 -23.85 44.61
CA ASP B 147 28.25 -24.74 45.45
C ASP B 147 28.18 -24.35 46.92
N LEU B 148 28.06 -23.06 47.21
CA LEU B 148 27.92 -22.63 48.60
C LEU B 148 26.57 -23.02 49.17
N GLU B 149 25.50 -22.79 48.41
CA GLU B 149 24.16 -23.07 48.92
C GLU B 149 23.95 -24.56 49.17
N SER B 150 24.71 -25.41 48.48
CA SER B 150 24.70 -26.84 48.76
C SER B 150 26.06 -27.28 49.28
N GLY B 151 26.75 -28.11 48.51
CA GLY B 151 28.07 -28.58 48.90
C GLY B 151 28.76 -29.36 47.79
N ASN C 3 -40.89 -3.31 -19.95
CA ASN C 3 -40.78 -2.70 -18.62
C ASN C 3 -39.85 -1.49 -18.66
N ILE C 4 -39.32 -1.18 -19.84
CA ILE C 4 -38.47 -0.01 -20.00
C ILE C 4 -39.31 1.25 -19.85
N GLU C 5 -38.80 2.21 -19.07
CA GLU C 5 -39.46 3.48 -18.84
C GLU C 5 -38.91 4.53 -19.80
N PRO C 6 -39.63 4.86 -20.87
CA PRO C 6 -39.05 5.74 -21.91
C PRO C 6 -38.65 7.12 -21.40
N VAL C 7 -39.36 7.65 -20.41
CA VAL C 7 -39.08 9.01 -19.95
C VAL C 7 -37.68 9.10 -19.34
N ILE C 8 -37.27 8.09 -18.57
CA ILE C 8 -35.92 8.04 -18.03
C ILE C 8 -34.90 8.20 -19.15
N ILE C 9 -35.08 7.42 -20.22
CA ILE C 9 -34.13 7.43 -21.32
C ILE C 9 -34.23 8.74 -22.11
N GLU C 10 -35.46 9.17 -22.40
CA GLU C 10 -35.65 10.37 -23.22
C GLU C 10 -35.06 11.61 -22.54
N THR C 11 -35.26 11.75 -21.23
CA THR C 11 -34.72 12.92 -20.54
C THR C 11 -33.20 12.89 -20.50
N ARG C 12 -32.60 11.72 -20.31
N ARG C 12 -32.60 11.71 -20.32
CA ARG C 12 -31.15 11.60 -20.36
CA ARG C 12 -31.15 11.61 -20.35
C ARG C 12 -30.62 11.94 -21.74
C ARG C 12 -30.60 11.90 -21.75
N LEU C 13 -31.28 11.43 -22.79
CA LEU C 13 -30.85 11.73 -24.16
C LEU C 13 -30.94 13.22 -24.45
N GLU C 14 -31.98 13.88 -23.91
CA GLU C 14 -32.11 15.32 -24.07
C GLU C 14 -30.97 16.06 -23.37
N LEU C 15 -30.56 15.57 -22.20
CA LEU C 15 -29.44 16.19 -21.50
C LEU C 15 -28.13 15.98 -22.26
N ILE C 16 -27.94 14.78 -22.82
CA ILE C 16 -26.73 14.52 -23.59
C ILE C 16 -26.66 15.43 -24.81
N GLY C 17 -27.80 15.66 -25.47
CA GLY C 17 -27.84 16.59 -26.58
C GLY C 17 -27.45 17.99 -26.17
N ARG C 18 -27.97 18.45 -25.01
CA ARG C 18 -27.59 19.77 -24.50
C ARG C 18 -26.10 19.84 -24.18
N TYR C 19 -25.56 18.80 -23.53
CA TYR C 19 -24.13 18.79 -23.22
C TYR C 19 -23.29 18.77 -24.48
N LEU C 20 -23.67 17.95 -25.47
CA LEU C 20 -22.92 17.88 -26.72
C LEU C 20 -22.97 19.22 -27.45
N ASP C 21 -24.11 19.91 -27.40
CA ASP C 21 -24.21 21.22 -28.02
C ASP C 21 -23.17 22.17 -27.46
N HIS C 22 -23.00 22.18 -26.14
N HIS C 22 -23.00 22.18 -26.14
CA HIS C 22 -22.01 23.08 -25.54
CA HIS C 22 -22.01 23.07 -25.55
C HIS C 22 -20.59 22.56 -25.74
C HIS C 22 -20.59 22.56 -25.79
N LEU C 23 -20.40 21.23 -25.72
CA LEU C 23 -19.07 20.68 -25.97
C LEU C 23 -18.61 20.97 -27.39
N LYS C 24 -19.55 21.12 -28.32
CA LYS C 24 -19.18 21.33 -29.72
C LYS C 24 -18.44 22.65 -29.92
N LYS C 25 -18.64 23.62 -29.04
N LYS C 25 -18.66 23.61 -29.03
CA LYS C 25 -17.92 24.88 -29.18
CA LYS C 25 -17.94 24.88 -29.09
C LYS C 25 -16.42 24.71 -29.00
C LYS C 25 -16.44 24.73 -28.93
N PHE C 26 -15.97 23.57 -28.48
CA PHE C 26 -14.55 23.29 -28.28
C PHE C 26 -13.94 22.43 -29.38
N GLU C 27 -14.71 22.10 -30.41
CA GLU C 27 -14.22 21.17 -31.43
C GLU C 27 -12.95 21.66 -32.12
N ASN C 28 -12.69 22.96 -32.10
CA ASN C 28 -11.57 23.54 -32.84
C ASN C 28 -10.61 24.31 -31.93
N ILE C 29 -10.70 24.14 -30.62
CA ILE C 29 -9.75 24.80 -29.73
C ILE C 29 -8.36 24.21 -29.96
N SER C 30 -7.35 25.07 -30.02
CA SER C 30 -5.99 24.59 -30.19
C SER C 30 -5.53 23.86 -28.94
N LEU C 31 -4.60 22.92 -29.13
CA LEU C 31 -4.02 22.23 -27.98
C LEU C 31 -3.42 23.22 -26.99
N ASP C 32 -2.76 24.27 -27.50
CA ASP C 32 -2.10 25.24 -26.64
C ASP C 32 -3.13 26.04 -25.84
N ASP C 33 -4.18 26.53 -26.50
CA ASP C 33 -5.21 27.30 -25.79
C ASP C 33 -5.90 26.45 -24.73
N TYR C 34 -6.21 25.20 -25.06
CA TYR C 34 -6.85 24.32 -24.09
C TYR C 34 -5.97 24.08 -22.88
N LEU C 35 -4.68 23.81 -23.12
CA LEU C 35 -3.78 23.45 -22.01
C LEU C 35 -3.46 24.64 -21.12
N SER C 36 -3.53 25.86 -21.65
CA SER C 36 -3.23 27.04 -20.84
C SER C 36 -4.39 27.47 -19.97
N SER C 37 -5.59 26.92 -20.16
CA SER C 37 -6.80 27.45 -19.53
C SER C 37 -7.47 26.39 -18.66
N PHE C 38 -7.34 26.55 -17.35
CA PHE C 38 -8.00 25.63 -16.42
C PHE C 38 -9.52 25.74 -16.52
N GLU C 39 -10.04 26.94 -16.78
CA GLU C 39 -11.49 27.11 -16.89
C GLU C 39 -12.06 26.35 -18.10
N GLN C 40 -11.37 26.42 -19.25
CA GLN C 40 -11.79 25.62 -20.40
C GLN C 40 -11.73 24.14 -20.07
N GLN C 41 -10.71 23.72 -19.32
CA GLN C 41 -10.60 22.33 -18.91
C GLN C 41 -11.76 21.93 -18.00
N LEU C 42 -12.13 22.80 -17.07
CA LEU C 42 -13.23 22.50 -16.16
C LEU C 42 -14.55 22.33 -16.91
N ILE C 43 -14.82 23.23 -17.88
CA ILE C 43 -16.04 23.12 -18.68
C ILE C 43 -16.09 21.79 -19.40
N THR C 44 -15.03 21.46 -20.15
CA THR C 44 -15.05 20.24 -20.95
C THR C 44 -15.04 18.99 -20.07
N GLU C 45 -14.31 19.03 -18.95
CA GLU C 45 -14.29 17.88 -18.05
C GLU C 45 -15.69 17.60 -17.51
N ARG C 46 -16.39 18.63 -17.04
CA ARG C 46 -17.73 18.40 -16.51
C ARG C 46 -18.68 17.90 -17.60
N LEU C 47 -18.59 18.49 -18.81
CA LEU C 47 -19.45 18.03 -19.89
C LEU C 47 -19.19 16.57 -20.23
N LEU C 48 -17.91 16.20 -20.34
CA LEU C 48 -17.56 14.80 -20.59
C LEU C 48 -18.05 13.90 -19.46
N GLN C 49 -17.87 14.34 -18.22
CA GLN C 49 -18.32 13.56 -17.07
C GLN C 49 -19.83 13.36 -17.11
N LEU C 50 -20.59 14.42 -17.42
CA LEU C 50 -22.05 14.32 -17.40
C LEU C 50 -22.59 13.55 -18.60
N ILE C 51 -21.97 13.72 -19.76
CA ILE C 51 -22.37 12.93 -20.93
C ILE C 51 -22.22 11.45 -20.65
N THR C 52 -21.06 11.05 -20.13
CA THR C 52 -20.80 9.64 -19.87
C THR C 52 -21.69 9.10 -18.76
N GLN C 53 -21.91 9.90 -17.71
CA GLN C 53 -22.76 9.45 -16.61
C GLN C 53 -24.21 9.28 -17.07
N ALA C 54 -24.70 10.21 -17.88
CA ALA C 54 -26.05 10.07 -18.42
C ALA C 54 -26.17 8.81 -19.28
N ALA C 55 -25.16 8.54 -20.10
CA ALA C 55 -25.16 7.33 -20.91
C ALA C 55 -25.12 6.09 -20.01
N ILE C 56 -24.29 6.12 -18.96
CA ILE C 56 -24.23 5.02 -18.01
C ILE C 56 -25.59 4.79 -17.37
N ASP C 57 -26.31 5.88 -17.05
CA ASP C 57 -27.63 5.74 -16.43
C ASP C 57 -28.64 5.16 -17.40
N ILE C 58 -28.61 5.59 -18.66
CA ILE C 58 -29.44 4.96 -19.69
C ILE C 58 -29.15 3.47 -19.76
N ASN C 59 -27.87 3.12 -19.86
CA ASN C 59 -27.49 1.72 -20.01
C ASN C 59 -27.92 0.88 -18.82
N ASP C 60 -27.74 1.42 -17.60
CA ASP C 60 -28.17 0.69 -16.42
C ASP C 60 -29.67 0.46 -16.41
N HIS C 61 -30.44 1.48 -16.82
CA HIS C 61 -31.89 1.34 -16.82
C HIS C 61 -32.35 0.30 -17.83
N ILE C 62 -31.77 0.31 -19.03
CA ILE C 62 -32.14 -0.68 -20.04
C ILE C 62 -31.81 -2.09 -19.54
N LEU C 63 -30.59 -2.29 -19.07
CA LEU C 63 -30.17 -3.62 -18.63
C LEU C 63 -30.91 -4.07 -17.38
N SER C 64 -31.35 -3.13 -16.55
CA SER C 64 -32.16 -3.50 -15.39
C SER C 64 -33.50 -4.10 -15.80
N LYS C 65 -33.93 -3.88 -17.04
CA LYS C 65 -35.15 -4.47 -17.57
C LYS C 65 -34.91 -5.73 -18.38
N LEU C 66 -33.81 -5.77 -19.15
CA LEU C 66 -33.51 -6.96 -19.95
C LEU C 66 -32.95 -8.08 -19.10
N LYS C 67 -32.05 -7.76 -18.15
CA LYS C 67 -31.42 -8.73 -17.27
C LYS C 67 -31.58 -8.22 -15.83
N SER C 68 -32.77 -8.44 -15.27
CA SER C 68 -33.11 -7.89 -13.97
C SER C 68 -32.17 -8.42 -12.88
N GLY C 69 -31.65 -7.49 -12.06
CA GLY C 69 -30.81 -7.85 -10.94
C GLY C 69 -29.36 -8.16 -11.28
N LYS C 70 -29.01 -8.23 -12.56
CA LYS C 70 -27.66 -8.56 -12.97
C LYS C 70 -26.79 -7.31 -12.98
N SER C 71 -25.61 -7.42 -12.38
CA SER C 71 -24.70 -6.29 -12.30
C SER C 71 -23.75 -6.28 -13.50
N TYR C 72 -23.49 -5.09 -14.02
CA TYR C 72 -22.51 -4.86 -15.07
C TYR C 72 -21.60 -3.72 -14.64
N THR C 73 -20.32 -3.82 -14.98
CA THR C 73 -19.50 -2.63 -14.92
C THR C 73 -19.94 -1.65 -16.01
N ASN C 74 -19.53 -0.39 -15.85
CA ASN C 74 -19.90 0.61 -16.85
C ASN C 74 -19.34 0.26 -18.22
N PHE C 75 -18.16 -0.38 -18.26
CA PHE C 75 -17.61 -0.83 -19.54
C PHE C 75 -18.47 -1.94 -20.13
N GLU C 76 -18.74 -2.98 -19.35
CA GLU C 76 -19.48 -4.14 -19.85
C GLU C 76 -20.89 -3.77 -20.28
N ALA C 77 -21.48 -2.74 -19.66
CA ALA C 77 -22.84 -2.36 -20.01
C ALA C 77 -22.93 -1.91 -21.47
N PHE C 78 -21.95 -1.15 -21.93
CA PHE C 78 -21.91 -0.76 -23.34
C PHE C 78 -21.79 -1.98 -24.24
N ILE C 79 -20.86 -2.88 -23.91
CA ILE C 79 -20.64 -4.08 -24.72
C ILE C 79 -21.92 -4.92 -24.78
N GLU C 80 -22.58 -5.09 -23.64
CA GLU C 80 -23.78 -5.91 -23.59
C GLU C 80 -24.88 -5.35 -24.49
N LEU C 81 -25.01 -4.02 -24.54
CA LEU C 81 -25.97 -3.40 -25.45
C LEU C 81 -25.62 -3.68 -26.90
N GLY C 82 -24.32 -3.77 -27.22
CA GLY C 82 -23.93 -4.24 -28.54
C GLY C 82 -24.42 -5.64 -28.80
N LYS C 83 -24.28 -6.54 -27.82
CA LYS C 83 -24.72 -7.91 -27.98
C LYS C 83 -26.22 -8.01 -28.23
N TYR C 84 -27.01 -7.10 -27.64
CA TYR C 84 -28.44 -7.07 -27.89
C TYR C 84 -28.81 -6.32 -29.16
N GLN C 85 -27.83 -5.80 -29.89
CA GLN C 85 -28.04 -4.99 -31.10
C GLN C 85 -28.78 -3.70 -30.81
N ILE C 86 -28.86 -3.30 -29.54
CA ILE C 86 -29.41 -1.99 -29.21
C ILE C 86 -28.44 -0.89 -29.64
N LEU C 87 -27.16 -1.07 -29.34
CA LEU C 87 -26.08 -0.39 -30.04
C LEU C 87 -25.52 -1.33 -31.09
N THR C 88 -24.91 -0.77 -32.11
CA THR C 88 -24.14 -1.60 -33.02
C THR C 88 -22.89 -2.10 -32.29
N PRO C 89 -22.45 -3.33 -32.59
CA PRO C 89 -21.22 -3.82 -31.94
C PRO C 89 -20.02 -2.92 -32.18
N GLU C 90 -19.96 -2.28 -33.35
CA GLU C 90 -18.83 -1.41 -33.66
C GLU C 90 -18.82 -0.20 -32.74
N LEU C 91 -19.98 0.45 -32.57
CA LEU C 91 -20.04 1.62 -31.70
C LEU C 91 -19.81 1.25 -30.24
N ALA C 92 -20.47 0.19 -29.77
CA ALA C 92 -20.30 -0.26 -28.39
C ALA C 92 -18.82 -0.45 -28.06
N LYS C 93 -18.07 -1.07 -28.98
CA LYS C 93 -16.64 -1.27 -28.76
C LYS C 93 -15.89 0.05 -28.73
N GLN C 94 -16.19 0.95 -29.67
CA GLN C 94 -15.44 2.20 -29.76
C GLN C 94 -15.72 3.12 -28.59
N ILE C 95 -16.96 3.12 -28.08
CA ILE C 95 -17.37 4.10 -27.08
C ILE C 95 -17.19 3.58 -25.65
N ALA C 96 -17.16 2.26 -25.45
CA ALA C 96 -17.03 1.72 -24.10
C ALA C 96 -15.83 2.22 -23.32
N PRO C 97 -14.62 2.37 -23.90
CA PRO C 97 -13.51 2.90 -23.09
C PRO C 97 -13.77 4.29 -22.52
N SER C 98 -14.49 5.15 -23.25
CA SER C 98 -14.78 6.48 -22.73
C SER C 98 -15.63 6.43 -21.47
N SER C 99 -16.26 5.30 -21.16
CA SER C 99 -17.03 5.18 -19.92
C SER C 99 -16.15 5.37 -18.70
N GLY C 100 -14.84 5.14 -18.83
CA GLY C 100 -13.93 5.37 -17.71
C GLY C 100 -13.83 6.82 -17.30
N LEU C 101 -14.29 7.74 -18.15
CA LEU C 101 -14.23 9.16 -17.82
C LEU C 101 -15.15 9.51 -16.65
N ALA C 102 -16.33 8.87 -16.59
CA ALA C 102 -17.25 9.14 -15.50
C ALA C 102 -16.64 8.84 -14.15
N ASN C 103 -15.67 7.92 -14.10
CA ASN C 103 -14.98 7.63 -12.85
C ASN C 103 -13.69 8.43 -12.71
N ARG C 104 -12.93 8.58 -13.80
N ARG C 104 -12.93 8.57 -13.79
CA ARG C 104 -11.65 9.28 -13.72
CA ARG C 104 -11.66 9.29 -13.73
C ARG C 104 -11.83 10.74 -13.35
C ARG C 104 -11.86 10.74 -13.33
N LEU C 105 -12.85 11.40 -13.93
CA LEU C 105 -13.07 12.82 -13.69
C LEU C 105 -13.70 13.08 -12.33
N VAL C 106 -14.30 12.06 -11.70
CA VAL C 106 -14.91 12.23 -10.39
C VAL C 106 -13.96 11.84 -9.28
N HIS C 107 -13.28 10.69 -9.41
CA HIS C 107 -12.50 10.15 -8.31
C HIS C 107 -10.99 10.24 -8.49
N GLU C 108 -10.50 10.46 -9.71
CA GLU C 108 -9.06 10.56 -9.94
C GLU C 108 -8.68 11.98 -10.37
N TYR C 109 -9.26 12.97 -9.69
CA TYR C 109 -9.03 14.38 -9.98
C TYR C 109 -7.58 14.80 -9.76
N ASP C 110 -6.82 14.02 -9.00
CA ASP C 110 -5.40 14.27 -8.83
C ASP C 110 -4.56 13.69 -9.96
N ASP C 111 -5.19 12.98 -10.89
CA ASP C 111 -4.51 12.24 -11.94
C ASP C 111 -5.19 12.47 -13.28
N ILE C 112 -5.56 13.72 -13.56
CA ILE C 112 -6.18 14.09 -14.82
C ILE C 112 -5.11 14.74 -15.70
N ASP C 113 -4.80 14.09 -16.82
CA ASP C 113 -3.87 14.65 -17.80
C ASP C 113 -4.67 15.41 -18.84
N PRO C 114 -4.61 16.75 -18.87
CA PRO C 114 -5.43 17.49 -19.84
C PRO C 114 -5.11 17.14 -21.29
N ASN C 115 -3.91 16.61 -21.57
CA ASN C 115 -3.61 16.17 -22.92
C ASN C 115 -4.53 15.04 -23.36
N GLN C 116 -4.87 14.14 -22.43
CA GLN C 116 -5.77 13.04 -22.76
C GLN C 116 -7.23 13.50 -22.80
N VAL C 117 -7.60 14.43 -21.93
CA VAL C 117 -8.95 14.99 -21.99
C VAL C 117 -9.16 15.70 -23.33
N PHE C 118 -8.13 16.42 -23.80
CA PHE C 118 -8.21 17.10 -25.08
C PHE C 118 -8.56 16.12 -26.21
N MET C 119 -7.93 14.94 -26.22
CA MET C 119 -8.29 13.93 -27.20
C MET C 119 -9.71 13.41 -26.99
N ALA C 120 -10.12 13.25 -25.73
CA ALA C 120 -11.45 12.71 -25.43
C ALA C 120 -12.57 13.64 -25.87
N ILE C 121 -12.29 14.94 -26.02
CA ILE C 121 -13.31 15.86 -26.56
C ILE C 121 -13.68 15.45 -27.98
N SER C 122 -12.68 15.18 -28.81
CA SER C 122 -12.94 14.80 -30.19
C SER C 122 -13.63 13.43 -30.29
N PHE C 123 -13.18 12.46 -29.48
CA PHE C 123 -13.83 11.16 -29.49
C PHE C 123 -15.29 11.25 -29.06
N ALA C 124 -15.58 12.08 -28.05
CA ALA C 124 -16.95 12.22 -27.58
C ALA C 124 -17.83 12.90 -28.62
N LEU C 125 -17.33 13.98 -29.24
CA LEU C 125 -18.09 14.65 -30.28
C LEU C 125 -18.35 13.74 -31.48
N GLN C 126 -17.48 12.76 -31.69
CA GLN C 126 -17.65 11.83 -32.80
C GLN C 126 -18.57 10.67 -32.44
N GLN C 127 -18.45 10.14 -31.21
CA GLN C 127 -19.09 8.89 -30.86
C GLN C 127 -20.47 9.07 -30.24
N TYR C 128 -20.65 10.07 -29.40
CA TYR C 128 -21.91 10.16 -28.67
C TYR C 128 -23.11 10.62 -29.50
N PRO C 129 -22.94 11.41 -30.58
CA PRO C 129 -24.10 11.60 -31.48
C PRO C 129 -24.62 10.30 -32.06
N LEU C 130 -23.73 9.35 -32.38
CA LEU C 130 -24.15 8.05 -32.86
C LEU C 130 -24.87 7.26 -31.76
N TYR C 131 -24.34 7.29 -30.53
CA TYR C 131 -25.00 6.63 -29.42
C TYR C 131 -26.42 7.16 -29.24
N VAL C 132 -26.59 8.49 -29.30
CA VAL C 132 -27.91 9.08 -29.14
C VAL C 132 -28.86 8.60 -30.24
N ARG C 133 -28.38 8.64 -31.49
CA ARG C 133 -29.22 8.19 -32.60
C ARG C 133 -29.61 6.73 -32.44
N GLN C 134 -28.68 5.89 -31.96
CA GLN C 134 -28.98 4.45 -31.85
C GLN C 134 -29.93 4.17 -30.70
N ILE C 135 -29.74 4.84 -29.55
CA ILE C 135 -30.69 4.67 -28.45
C ILE C 135 -32.08 5.18 -28.87
N ASN C 136 -32.12 6.30 -29.59
N ASN C 136 -32.11 6.27 -29.61
CA ASN C 136 -33.39 6.85 -30.05
CA ASN C 136 -33.41 6.83 -30.02
C ASN C 136 -34.13 5.87 -30.95
C ASN C 136 -34.14 5.89 -30.97
N SER C 137 -33.39 5.20 -31.84
CA SER C 137 -34.01 4.22 -32.73
C SER C 137 -34.56 3.04 -31.95
N TYR C 138 -33.86 2.63 -30.89
CA TYR C 138 -34.38 1.58 -30.02
C TYR C 138 -35.69 2.01 -29.38
N LEU C 139 -35.78 3.26 -28.95
CA LEU C 139 -37.04 3.78 -28.42
C LEU C 139 -38.14 3.76 -29.46
N ILE C 140 -37.83 4.18 -30.69
CA ILE C 140 -38.82 4.17 -31.76
C ILE C 140 -39.29 2.75 -32.05
N THR C 141 -38.36 1.79 -32.04
CA THR C 141 -38.73 0.39 -32.27
C THR C 141 -39.50 -0.21 -31.10
N LEU C 142 -39.38 0.37 -29.91
CA LEU C 142 -40.12 -0.14 -28.76
C LEU C 142 -41.60 0.24 -28.80
N GLU C 143 -41.97 1.25 -29.58
CA GLU C 143 -43.40 1.46 -29.86
C GLU C 143 -43.93 0.36 -30.78
N GLU C 144 -43.14 -0.01 -31.79
CA GLU C 144 -43.50 -1.11 -32.67
C GLU C 144 -43.21 -2.45 -32.00
N ASN D 3 -0.29 5.84 11.30
CA ASN D 3 -0.06 5.29 9.97
C ASN D 3 -0.68 6.18 8.89
N ILE D 4 -0.88 7.45 9.22
CA ILE D 4 -1.41 8.40 8.26
C ILE D 4 -0.32 8.77 7.26
N GLU D 5 -0.67 8.75 5.97
CA GLU D 5 0.28 9.07 4.90
C GLU D 5 0.15 10.53 4.55
N PRO D 6 1.13 11.37 4.89
CA PRO D 6 0.94 12.82 4.69
C PRO D 6 0.77 13.24 3.25
N VAL D 7 1.46 12.57 2.31
CA VAL D 7 1.40 12.99 0.91
C VAL D 7 -0.02 12.89 0.37
N ILE D 8 -0.82 11.94 0.88
CA ILE D 8 -2.21 11.82 0.44
C ILE D 8 -2.98 13.08 0.80
N ILE D 9 -2.83 13.55 2.03
CA ILE D 9 -3.51 14.76 2.47
C ILE D 9 -2.91 16.00 1.83
N GLU D 10 -1.58 16.07 1.77
CA GLU D 10 -0.91 17.25 1.22
C GLU D 10 -1.30 17.49 -0.23
N THR D 11 -1.43 16.41 -1.03
CA THR D 11 -1.82 16.58 -2.42
C THR D 11 -3.26 17.07 -2.54
N ARG D 12 -4.14 16.57 -1.68
CA ARG D 12 -5.53 17.03 -1.72
C ARG D 12 -5.64 18.48 -1.29
N LEU D 13 -4.89 18.89 -0.26
CA LEU D 13 -4.92 20.27 0.17
C LEU D 13 -4.41 21.20 -0.92
N GLU D 14 -3.34 20.81 -1.61
CA GLU D 14 -2.85 21.63 -2.72
C GLU D 14 -3.90 21.76 -3.81
N LEU D 15 -4.63 20.69 -4.10
CA LEU D 15 -5.67 20.75 -5.12
C LEU D 15 -6.83 21.62 -4.67
N ILE D 16 -7.27 21.46 -3.41
CA ILE D 16 -8.31 22.32 -2.86
C ILE D 16 -7.90 23.78 -2.95
N GLY D 17 -6.63 24.07 -2.67
CA GLY D 17 -6.14 25.43 -2.82
C GLY D 17 -6.26 25.95 -4.25
N ARG D 18 -5.89 25.12 -5.22
CA ARG D 18 -6.06 25.50 -6.62
C ARG D 18 -7.53 25.75 -6.95
N TYR D 19 -8.41 24.85 -6.50
CA TYR D 19 -9.83 25.01 -6.80
C TYR D 19 -10.40 26.27 -6.16
N LEU D 20 -10.06 26.53 -4.91
CA LEU D 20 -10.58 27.70 -4.21
C LEU D 20 -10.12 28.99 -4.89
N ASP D 21 -8.86 29.02 -5.35
CA ASP D 21 -8.37 30.21 -6.03
C ASP D 21 -9.19 30.52 -7.28
N HIS D 22 -9.54 29.48 -8.05
CA HIS D 22 -10.37 29.70 -9.22
C HIS D 22 -11.82 29.98 -8.84
N LEU D 23 -12.32 29.35 -7.77
CA LEU D 23 -13.67 29.63 -7.31
C LEU D 23 -13.82 31.07 -6.85
N LYS D 24 -12.76 31.66 -6.29
CA LYS D 24 -12.84 33.04 -5.80
C LYS D 24 -13.07 34.06 -6.90
N LYS D 25 -12.75 33.71 -8.16
CA LYS D 25 -13.05 34.60 -9.27
C LYS D 25 -14.55 34.82 -9.46
N PHE D 26 -15.38 33.95 -8.89
CA PHE D 26 -16.83 34.04 -8.98
C PHE D 26 -17.46 34.69 -7.75
N GLU D 27 -16.64 35.19 -6.83
CA GLU D 27 -17.13 35.66 -5.54
C GLU D 27 -18.15 36.80 -5.67
N ASN D 28 -18.04 37.59 -6.74
CA ASN D 28 -18.85 38.79 -6.88
C ASN D 28 -19.74 38.78 -8.12
N ILE D 29 -19.86 37.65 -8.81
CA ILE D 29 -20.74 37.59 -9.98
C ILE D 29 -22.19 37.72 -9.53
N SER D 30 -22.98 38.47 -10.29
CA SER D 30 -24.38 38.66 -9.93
C SER D 30 -25.18 37.38 -10.19
N LEU D 31 -26.23 37.19 -9.39
CA LEU D 31 -27.10 36.04 -9.57
C LEU D 31 -27.75 36.05 -10.96
N ASP D 32 -28.14 37.23 -11.45
CA ASP D 32 -28.71 37.34 -12.78
C ASP D 32 -27.73 36.81 -13.84
N ASP D 33 -26.47 37.26 -13.78
CA ASP D 33 -25.48 36.77 -14.73
C ASP D 33 -25.26 35.27 -14.58
N TYR D 34 -25.21 34.78 -13.34
CA TYR D 34 -24.96 33.36 -13.10
C TYR D 34 -26.08 32.50 -13.68
N LEU D 35 -27.33 32.91 -13.44
CA LEU D 35 -28.47 32.12 -13.92
C LEU D 35 -28.49 31.99 -15.44
N SER D 36 -27.93 32.95 -16.16
CA SER D 36 -28.01 32.94 -17.62
C SER D 36 -26.77 32.39 -18.30
N SER D 37 -25.76 31.94 -17.54
CA SER D 37 -24.51 31.43 -18.10
C SER D 37 -24.36 29.95 -17.75
N PHE D 38 -24.61 29.08 -18.72
CA PHE D 38 -24.37 27.67 -18.49
C PHE D 38 -22.88 27.39 -18.29
N GLU D 39 -22.01 28.19 -18.91
CA GLU D 39 -20.56 28.01 -18.72
C GLU D 39 -20.17 28.25 -17.27
N GLN D 40 -20.62 29.36 -16.69
CA GLN D 40 -20.27 29.66 -15.30
C GLN D 40 -20.84 28.62 -14.35
N GLN D 41 -22.04 28.10 -14.63
CA GLN D 41 -22.59 27.03 -13.81
C GLN D 41 -21.73 25.78 -13.89
N LEU D 42 -21.28 25.43 -15.10
CA LEU D 42 -20.43 24.25 -15.26
C LEU D 42 -19.12 24.39 -14.48
N ILE D 43 -18.48 25.55 -14.60
CA ILE D 43 -17.20 25.77 -13.93
C ILE D 43 -17.38 25.67 -12.42
N THR D 44 -18.38 26.36 -11.88
CA THR D 44 -18.54 26.38 -10.43
C THR D 44 -19.02 25.04 -9.90
N GLU D 45 -19.86 24.33 -10.65
CA GLU D 45 -20.29 23.01 -10.22
C GLU D 45 -19.11 22.05 -10.09
N ARG D 46 -18.22 22.05 -11.08
CA ARG D 46 -17.07 21.13 -11.02
C ARG D 46 -16.14 21.51 -9.87
N LEU D 47 -15.87 22.80 -9.69
CA LEU D 47 -15.03 23.24 -8.58
C LEU D 47 -15.60 22.82 -7.24
N LEU D 48 -16.91 23.02 -7.04
CA LEU D 48 -17.54 22.60 -5.79
C LEU D 48 -17.51 21.08 -5.64
N GLN D 49 -17.79 20.36 -6.73
CA GLN D 49 -17.71 18.90 -6.70
C GLN D 49 -16.32 18.44 -6.28
N LEU D 50 -15.27 19.02 -6.88
CA LEU D 50 -13.92 18.56 -6.61
C LEU D 50 -13.43 18.98 -5.23
N ILE D 51 -13.78 20.18 -4.78
CA ILE D 51 -13.42 20.62 -3.43
C ILE D 51 -14.01 19.68 -2.39
N THR D 52 -15.31 19.40 -2.51
CA THR D 52 -15.97 18.58 -1.50
C THR D 52 -15.49 17.13 -1.56
N GLN D 53 -15.24 16.61 -2.77
CA GLN D 53 -14.73 15.24 -2.88
C GLN D 53 -13.32 15.13 -2.31
N ALA D 54 -12.47 16.13 -2.57
CA ALA D 54 -11.13 16.12 -2.02
C ALA D 54 -11.14 16.09 -0.51
N ALA D 55 -12.03 16.87 0.10
CA ALA D 55 -12.15 16.88 1.56
C ALA D 55 -12.68 15.56 2.09
N ILE D 56 -13.68 14.99 1.39
CA ILE D 56 -14.18 13.66 1.75
C ILE D 56 -13.03 12.64 1.73
N ASP D 57 -12.18 12.72 0.71
CA ASP D 57 -11.08 11.77 0.59
C ASP D 57 -10.05 11.96 1.71
N ILE D 58 -9.73 13.20 2.05
CA ILE D 58 -8.87 13.48 3.20
C ILE D 58 -9.50 12.89 4.46
N ASN D 59 -10.78 13.18 4.69
CA ASN D 59 -11.43 12.73 5.92
C ASN D 59 -11.46 11.21 6.01
N ASP D 60 -11.72 10.53 4.88
CA ASP D 60 -11.75 9.08 4.90
C ASP D 60 -10.37 8.51 5.24
N HIS D 61 -9.32 9.08 4.66
CA HIS D 61 -7.97 8.59 4.95
C HIS D 61 -7.63 8.76 6.43
N ILE D 62 -7.91 9.94 6.98
CA ILE D 62 -7.62 10.21 8.38
C ILE D 62 -8.34 9.21 9.28
N LEU D 63 -9.66 9.07 9.08
CA LEU D 63 -10.45 8.22 9.97
C LEU D 63 -10.12 6.75 9.78
N SER D 64 -9.66 6.35 8.59
CA SER D 64 -9.29 4.95 8.40
C SER D 64 -8.09 4.57 9.26
N LYS D 65 -7.26 5.53 9.63
CA LYS D 65 -6.15 5.26 10.53
C LYS D 65 -6.50 5.54 11.98
N LEU D 66 -7.19 6.66 12.25
CA LEU D 66 -7.50 7.03 13.63
C LEU D 66 -8.56 6.11 14.24
N LYS D 67 -9.56 5.73 13.45
CA LYS D 67 -10.65 4.89 13.93
C LYS D 67 -10.93 3.77 12.91
N SER D 68 -9.94 2.93 12.68
CA SER D 68 -10.06 1.85 11.70
C SER D 68 -11.24 0.94 12.05
N GLY D 69 -11.94 0.51 11.01
CA GLY D 69 -13.12 -0.35 11.14
C GLY D 69 -14.43 0.40 11.25
N LYS D 70 -14.44 1.51 11.98
CA LYS D 70 -15.65 2.29 12.15
C LYS D 70 -16.07 2.95 10.84
N SER D 71 -17.33 2.74 10.46
CA SER D 71 -17.85 3.28 9.22
C SER D 71 -18.48 4.65 9.45
N TYR D 72 -18.28 5.56 8.51
CA TYR D 72 -18.78 6.92 8.62
C TYR D 72 -19.38 7.36 7.29
N THR D 73 -20.52 8.05 7.37
CA THR D 73 -20.99 8.79 6.21
C THR D 73 -20.12 10.02 6.00
N ASN D 74 -20.25 10.64 4.83
CA ASN D 74 -19.47 11.85 4.55
C ASN D 74 -19.81 12.97 5.53
N PHE D 75 -21.09 13.08 5.91
CA PHE D 75 -21.48 14.03 6.94
C PHE D 75 -20.86 13.68 8.29
N GLU D 76 -20.98 12.40 8.70
CA GLU D 76 -20.49 11.99 10.01
C GLU D 76 -18.97 12.13 10.11
N ALA D 77 -18.26 11.85 9.02
CA ALA D 77 -16.81 11.98 9.03
C ALA D 77 -16.37 13.37 9.46
N PHE D 78 -17.07 14.40 8.98
CA PHE D 78 -16.77 15.76 9.39
C PHE D 78 -17.00 15.96 10.88
N ILE D 79 -18.16 15.52 11.38
CA ILE D 79 -18.49 15.73 12.78
C ILE D 79 -17.49 14.99 13.68
N GLU D 80 -17.05 13.81 13.25
CA GLU D 80 -16.11 13.04 14.05
C GLU D 80 -14.76 13.76 14.14
N LEU D 81 -14.31 14.37 13.04
CA LEU D 81 -13.09 15.15 13.09
C LEU D 81 -13.22 16.34 14.04
N GLY D 82 -14.41 16.90 14.16
CA GLY D 82 -14.63 17.94 15.15
C GLY D 82 -14.58 17.41 16.57
N LYS D 83 -15.14 16.21 16.78
CA LYS D 83 -15.16 15.62 18.12
C LYS D 83 -13.74 15.35 18.64
N TYR D 84 -12.83 14.97 17.76
CA TYR D 84 -11.44 14.70 18.14
C TYR D 84 -10.53 15.91 17.98
N GLN D 85 -11.11 17.09 17.73
CA GLN D 85 -10.40 18.36 17.68
C GLN D 85 -9.45 18.48 16.49
N ILE D 86 -9.57 17.60 15.49
CA ILE D 86 -8.85 17.81 14.24
C ILE D 86 -9.43 19.03 13.52
N LEU D 87 -10.76 19.11 13.46
CA LEU D 87 -11.46 20.33 13.14
C LEU D 87 -12.06 20.91 14.41
N THR D 88 -12.33 22.22 14.40
CA THR D 88 -13.14 22.77 15.46
C THR D 88 -14.58 22.30 15.29
N PRO D 89 -15.26 21.94 16.38
CA PRO D 89 -16.67 21.50 16.25
C PRO D 89 -17.54 22.52 15.54
N GLU D 90 -17.24 23.81 15.66
CA GLU D 90 -18.00 24.83 14.95
C GLU D 90 -17.84 24.68 13.45
N LEU D 91 -16.59 24.53 12.98
CA LEU D 91 -16.37 24.39 11.55
C LEU D 91 -16.93 23.07 11.03
N ALA D 92 -16.74 21.99 11.78
CA ALA D 92 -17.25 20.69 11.36
C ALA D 92 -18.76 20.73 11.17
N LYS D 93 -19.48 21.39 12.08
CA LYS D 93 -20.93 21.47 11.96
C LYS D 93 -21.34 22.34 10.77
N GLN D 94 -20.65 23.45 10.55
CA GLN D 94 -21.02 24.36 9.46
C GLN D 94 -20.75 23.73 8.10
N ILE D 95 -19.67 22.97 7.99
CA ILE D 95 -19.20 22.53 6.68
C ILE D 95 -19.77 21.16 6.29
N ALA D 96 -20.15 20.35 7.28
CA ALA D 96 -20.65 19.00 7.00
C ALA D 96 -21.81 18.95 6.00
N PRO D 97 -22.79 19.86 6.02
CA PRO D 97 -23.85 19.80 4.99
C PRO D 97 -23.33 19.87 3.56
N SER D 98 -22.27 20.63 3.30
CA SER D 98 -21.76 20.75 1.94
C SER D 98 -21.18 19.46 1.40
N SER D 99 -20.98 18.44 2.24
CA SER D 99 -20.42 17.18 1.77
C SER D 99 -21.32 16.49 0.76
N GLY D 100 -22.63 16.71 0.85
CA GLY D 100 -23.55 16.13 -0.11
C GLY D 100 -23.38 16.63 -1.53
N LEU D 101 -22.71 17.77 -1.71
CA LEU D 101 -22.49 18.30 -3.05
C LEU D 101 -21.73 17.32 -3.93
N ALA D 102 -20.72 16.64 -3.37
CA ALA D 102 -19.91 15.73 -4.16
C ALA D 102 -20.75 14.62 -4.79
N ASN D 103 -21.85 14.24 -4.14
CA ASN D 103 -22.74 13.21 -4.69
C ASN D 103 -23.80 13.81 -5.62
N ARG D 104 -24.43 14.90 -5.20
CA ARG D 104 -25.53 15.44 -5.99
C ARG D 104 -25.04 16.00 -7.32
N LEU D 105 -23.87 16.65 -7.34
CA LEU D 105 -23.39 17.22 -8.59
C LEU D 105 -22.93 16.14 -9.57
N VAL D 106 -22.67 14.93 -9.09
CA VAL D 106 -22.29 13.83 -9.97
C VAL D 106 -23.50 13.03 -10.44
N HIS D 107 -24.40 12.67 -9.51
CA HIS D 107 -25.47 11.74 -9.84
C HIS D 107 -26.84 12.38 -10.00
N GLU D 108 -27.05 13.60 -9.48
CA GLU D 108 -28.32 14.31 -9.63
C GLU D 108 -28.18 15.48 -10.60
N TYR D 109 -27.50 15.24 -11.72
CA TYR D 109 -27.23 16.28 -12.72
C TYR D 109 -28.50 16.77 -13.40
N ASP D 110 -29.59 16.01 -13.34
CA ASP D 110 -30.83 16.45 -13.95
C ASP D 110 -31.66 17.33 -13.03
N ASP D 111 -31.18 17.60 -11.81
CA ASP D 111 -31.97 18.29 -10.81
C ASP D 111 -31.13 19.32 -10.06
N ILE D 112 -30.16 19.93 -10.74
CA ILE D 112 -29.31 20.94 -10.14
C ILE D 112 -30.02 22.29 -10.22
N ASP D 113 -30.21 22.93 -9.06
CA ASP D 113 -30.80 24.26 -9.02
C ASP D 113 -29.67 25.27 -8.96
N PRO D 114 -29.41 26.03 -10.02
CA PRO D 114 -28.31 27.01 -9.98
C PRO D 114 -28.47 28.03 -8.86
N ASN D 115 -29.70 28.30 -8.40
CA ASN D 115 -29.88 29.15 -7.24
C ASN D 115 -29.18 28.58 -6.02
N GLN D 116 -29.26 27.25 -5.84
CA GLN D 116 -28.61 26.62 -4.70
C GLN D 116 -27.11 26.56 -4.87
N VAL D 117 -26.62 26.29 -6.09
CA VAL D 117 -25.19 26.28 -6.32
C VAL D 117 -24.60 27.66 -6.07
N PHE D 118 -25.34 28.70 -6.46
CA PHE D 118 -24.88 30.07 -6.24
C PHE D 118 -24.62 30.33 -4.77
N MET D 119 -25.50 29.84 -3.90
N MET D 119 -25.50 29.84 -3.90
CA MET D 119 -25.29 29.99 -2.46
CA MET D 119 -25.28 30.01 -2.46
C MET D 119 -24.12 29.15 -1.98
C MET D 119 -24.10 29.15 -1.98
N ALA D 120 -23.95 27.95 -2.53
CA ALA D 120 -22.85 27.08 -2.12
C ALA D 120 -21.49 27.69 -2.44
N ILE D 121 -21.41 28.48 -3.52
CA ILE D 121 -20.15 29.16 -3.84
C ILE D 121 -19.70 30.00 -2.67
N SER D 122 -20.60 30.81 -2.13
CA SER D 122 -20.25 31.73 -1.05
C SER D 122 -19.84 30.97 0.22
N PHE D 123 -20.59 29.92 0.57
CA PHE D 123 -20.27 29.17 1.77
C PHE D 123 -18.94 28.44 1.63
N ALA D 124 -18.69 27.84 0.46
CA ALA D 124 -17.43 27.13 0.25
C ALA D 124 -16.24 28.08 0.36
N LEU D 125 -16.35 29.28 -0.21
CA LEU D 125 -15.27 30.26 -0.09
C LEU D 125 -15.08 30.71 1.35
N GLN D 126 -16.14 30.66 2.16
CA GLN D 126 -16.01 31.04 3.57
C GLN D 126 -15.39 29.93 4.41
N GLN D 127 -15.81 28.69 4.19
CA GLN D 127 -15.56 27.60 5.12
C GLN D 127 -14.36 26.73 4.75
N TYR D 128 -14.16 26.44 3.48
CA TYR D 128 -13.08 25.52 3.15
C TYR D 128 -11.67 26.10 3.33
N PRO D 129 -11.43 27.41 3.24
CA PRO D 129 -10.12 27.91 3.65
C PRO D 129 -9.80 27.61 5.10
N LEU D 130 -10.81 27.62 5.97
CA LEU D 130 -10.61 27.24 7.37
C LEU D 130 -10.34 25.74 7.49
N TYR D 131 -11.07 24.93 6.73
CA TYR D 131 -10.80 23.49 6.69
C TYR D 131 -9.37 23.21 6.30
N VAL D 132 -8.87 23.92 5.28
CA VAL D 132 -7.50 23.71 4.82
C VAL D 132 -6.51 24.11 5.92
N ARG D 133 -6.76 25.23 6.59
CA ARG D 133 -5.88 25.66 7.66
C ARG D 133 -5.86 24.65 8.80
N GLN D 134 -7.03 24.10 9.15
CA GLN D 134 -7.09 23.21 10.31
C GLN D 134 -6.50 21.84 10.00
N ILE D 135 -6.76 21.31 8.80
CA ILE D 135 -6.10 20.06 8.41
C ILE D 135 -4.59 20.26 8.38
N ASN D 136 -4.13 21.41 7.92
CA ASN D 136 -2.70 21.68 7.86
C ASN D 136 -2.10 21.77 9.26
N SER D 137 -2.85 22.32 10.22
CA SER D 137 -2.39 22.30 11.61
C SER D 137 -2.27 20.87 12.13
N TYR D 138 -3.19 20.01 11.73
CA TYR D 138 -3.13 18.60 12.14
C TYR D 138 -1.90 17.91 11.57
N LEU D 139 -1.56 18.21 10.32
CA LEU D 139 -0.36 17.62 9.72
C LEU D 139 0.90 18.04 10.48
N ILE D 140 0.95 19.29 10.93
CA ILE D 140 2.08 19.75 11.73
C ILE D 140 2.18 18.94 13.02
N THR D 141 1.03 18.62 13.63
CA THR D 141 1.02 17.78 14.82
C THR D 141 1.61 16.40 14.53
N LEU D 142 1.28 15.83 13.38
CA LEU D 142 1.82 14.51 13.03
C LEU D 142 3.33 14.58 12.79
N GLU D 143 3.80 15.67 12.19
CA GLU D 143 5.24 15.83 11.99
C GLU D 143 5.96 15.95 13.33
N GLU D 144 5.36 16.69 14.28
CA GLU D 144 5.96 16.82 15.59
C GLU D 144 6.01 15.48 16.32
N GLU D 145 4.95 14.68 16.21
CA GLU D 145 4.95 13.36 16.84
C GLU D 145 5.98 12.44 16.20
N ASN D 146 6.12 12.51 14.87
CA ASN D 146 7.10 11.67 14.19
C ASN D 146 8.52 12.11 14.49
N ASP D 147 8.75 13.42 14.68
CA ASP D 147 10.05 13.88 15.11
C ASP D 147 10.35 13.45 16.54
N LEU D 148 9.31 13.24 17.35
CA LEU D 148 9.52 12.77 18.72
C LEU D 148 9.91 11.29 18.74
N GLU D 149 9.25 10.46 17.93
CA GLU D 149 9.60 9.05 17.88
C GLU D 149 10.95 8.81 17.23
N SER D 150 11.41 9.76 16.41
CA SER D 150 12.72 9.65 15.78
C SER D 150 13.68 10.67 16.37
C ACT E . 13.88 -26.74 10.63
O ACT E . 13.14 -26.94 9.62
OXT ACT E . 14.63 -27.56 11.24
CH3 ACT E . 13.81 -25.29 11.21
C ACT F . 22.94 -2.82 7.58
O ACT F . 22.02 -3.54 8.03
OXT ACT F . 23.00 -2.15 6.49
CH3 ACT F . 24.21 -2.73 8.49
C ACT G . -28.11 21.13 -5.75
O ACT G . -29.19 21.63 -6.21
OXT ACT G . -27.55 20.06 -6.05
CH3 ACT G . -27.40 21.98 -4.63
#